data_3A8H
#
_entry.id   3A8H
#
_cell.length_a   113.606
_cell.length_b   60.012
_cell.length_c   81.499
_cell.angle_alpha   90.00
_cell.angle_beta   125.14
_cell.angle_gamma   90.00
#
_symmetry.space_group_name_H-M   'C 1 2 1'
#
loop_
_entity.id
_entity.type
_entity.pdbx_description
1 polymer 'Nitrile hydratase subunit alpha'
2 polymer 'Nitrile hydratase subunit beta'
3 non-polymer 'FE (III) ION'
4 non-polymer 2,2-dimethylpropanamide
5 water water
#
loop_
_entity_poly.entity_id
_entity_poly.type
_entity_poly.pdbx_seq_one_letter_code
_entity_poly.pdbx_strand_id
1 'polypeptide(L)'
;MSVTIDHTTENAAPAQAPVSDRAWALFRALDGKGLVPDGYVEGWKKTFEEDFSPRRGAELVARAWTDPEFRQLLLTDGTA
AVAQYGYLGPQGEYIVAVEDTPTLKNVIVCSL(CSD)A(CSO)TAWPILGLPPTWYKSFEYRARVVREPRKVLSEMGTEI
ASDIEIRVYDTTAETRYMVLPQRPAGTEGWSQEQLQEIVTKDCLIGVAIPQVPTV
;
A
2 'polypeptide(L)'
;MDGVHDLAGVQGFGKVPHTVNADIGPTFHAEWEHLPYSLMFAGVAELGAFSVDEVRYVVERMEPRHYMMTPYYERYVIGV
ATLMVEKGILTQDELESLAGGPFPLSRPSESEGRPAPVETTTFEVGQRVRVRDEYVPGHIRMPAYCRGRVGTISHRTTEK
WPFPDAIGHGRNDAGEEPTYHVKFAAEELFGSDTDGGSVVVDLFEGYLEPAA
;
B
#
loop_
_chem_comp.id
_chem_comp.type
_chem_comp.name
_chem_comp.formula
FE non-polymer 'FE (III) ION' 'Fe 3'
TAY non-polymer 2,2-dimethylpropanamide 'C5 H11 N O'
#
# COMPACT_ATOMS: atom_id res chain seq x y z
N THR A 9 -1.98 -25.57 -22.87
CA THR A 9 -1.48 -24.52 -23.82
C THR A 9 -0.51 -23.54 -23.15
N GLU A 10 0.34 -22.94 -23.98
CA GLU A 10 1.36 -21.97 -23.56
C GLU A 10 0.73 -20.74 -22.91
N ASN A 11 1.31 -20.31 -21.79
CA ASN A 11 0.85 -19.11 -21.04
C ASN A 11 -0.58 -19.16 -20.48
N ALA A 12 -1.17 -20.36 -20.43
CA ALA A 12 -2.56 -20.53 -19.97
C ALA A 12 -2.73 -20.43 -18.45
N ALA A 13 -3.93 -20.02 -18.05
CA ALA A 13 -4.31 -19.91 -16.64
C ALA A 13 -4.33 -21.28 -15.96
N PRO A 14 -3.91 -21.35 -14.67
CA PRO A 14 -4.09 -22.61 -13.95
C PRO A 14 -5.57 -22.87 -13.71
N ALA A 15 -6.01 -24.11 -13.87
CA ALA A 15 -7.39 -24.49 -13.52
C ALA A 15 -7.65 -24.14 -12.05
N GLN A 16 -8.79 -23.49 -11.76
CA GLN A 16 -9.13 -23.11 -10.38
C GLN A 16 -10.61 -23.21 -10.06
N ALA A 17 -10.91 -23.67 -8.86
CA ALA A 17 -12.27 -23.63 -8.32
C ALA A 17 -12.74 -22.17 -8.25
N PRO A 18 -14.06 -21.93 -8.27
CA PRO A 18 -14.53 -20.56 -8.11
C PRO A 18 -13.91 -19.88 -6.89
N VAL A 19 -13.52 -18.61 -7.04
CA VAL A 19 -12.87 -17.92 -5.91
C VAL A 19 -13.70 -17.90 -4.63
N SER A 20 -15.04 -17.76 -4.74
CA SER A 20 -15.90 -17.82 -3.57
C SER A 20 -15.68 -19.16 -2.83
N ASP A 21 -15.62 -20.24 -3.59
CA ASP A 21 -15.39 -21.57 -3.01
C ASP A 21 -14.04 -21.71 -2.36
N ARG A 22 -13.02 -21.10 -2.98
CA ARG A 22 -11.68 -21.12 -2.38
C ARG A 22 -11.60 -20.28 -1.13
N ALA A 23 -12.18 -19.08 -1.16
CA ALA A 23 -12.18 -18.22 0.02
C ALA A 23 -12.91 -18.84 1.20
N TRP A 24 -14.09 -19.41 0.96
CA TRP A 24 -14.84 -20.04 2.04
C TRP A 24 -14.20 -21.34 2.51
N ALA A 25 -13.49 -22.04 1.61
CA ALA A 25 -12.69 -23.22 1.99
C ALA A 25 -11.60 -22.82 2.96
N LEU A 26 -10.92 -21.70 2.69
CA LEU A 26 -9.88 -21.25 3.60
C LEU A 26 -10.48 -20.94 4.98
N PHE A 27 -11.62 -20.25 4.99
CA PHE A 27 -12.31 -19.97 6.23
C PHE A 27 -12.68 -21.28 6.94
N ALA A 29 -11.61 -24.36 6.66
CA ALA A 29 -10.44 -25.12 7.11
C ALA A 29 -9.87 -24.60 8.42
N LEU A 30 -9.76 -23.27 8.54
CA LEU A 30 -9.21 -22.65 9.77
C LEU A 30 -10.21 -22.69 10.92
N ASP A 31 -11.45 -22.33 10.61
CA ASP A 31 -12.53 -22.31 11.59
C ASP A 31 -12.77 -23.71 12.18
N GLY A 32 -12.71 -24.72 11.32
CA GLY A 32 -12.94 -26.12 11.73
C GLY A 32 -11.86 -26.66 12.64
N LYS A 33 -10.74 -25.96 12.73
CA LYS A 33 -9.62 -26.30 13.62
C LYS A 33 -9.55 -25.41 14.87
N GLY A 34 -10.55 -24.55 15.03
CA GLY A 34 -10.70 -23.72 16.23
C GLY A 34 -9.77 -22.52 16.22
N LEU A 35 -9.26 -22.20 15.05
CA LEU A 35 -8.26 -21.14 14.88
C LEU A 35 -8.87 -19.75 14.65
N VAL A 36 -10.19 -19.68 14.47
CA VAL A 36 -10.87 -18.40 14.25
C VAL A 36 -11.89 -18.16 15.37
N PRO A 37 -11.63 -17.16 16.24
CA PRO A 37 -12.57 -16.84 17.33
C PRO A 37 -14.00 -16.61 16.84
N ASP A 38 -14.99 -16.89 17.69
CA ASP A 38 -16.39 -16.62 17.35
C ASP A 38 -16.55 -15.16 16.98
N GLY A 39 -17.25 -14.91 15.87
CA GLY A 39 -17.56 -13.55 15.45
C GLY A 39 -16.37 -12.78 14.90
N TYR A 40 -15.24 -13.48 14.68
CA TYR A 40 -14.00 -12.81 14.29
C TYR A 40 -14.05 -12.13 12.92
N VAL A 41 -14.37 -12.89 11.88
CA VAL A 41 -14.37 -12.29 10.54
C VAL A 41 -15.52 -11.30 10.36
N GLU A 42 -16.60 -11.55 11.08
CA GLU A 42 -17.76 -10.66 11.07
C GLU A 42 -17.41 -9.33 11.73
N GLY A 43 -16.62 -9.40 12.81
CA GLY A 43 -16.12 -8.21 13.49
C GLY A 43 -15.27 -7.39 12.56
N TRP A 44 -14.32 -8.04 11.89
CA TRP A 44 -13.47 -7.32 10.93
C TRP A 44 -14.30 -6.72 9.79
N LYS A 45 -15.31 -7.45 9.32
CA LYS A 45 -16.12 -6.96 8.23
C LYS A 45 -16.82 -5.65 8.62
N THR A 47 -15.77 -3.45 10.98
CA THR A 47 -14.67 -2.48 11.04
C THR A 47 -14.36 -1.91 9.65
N PHE A 48 -14.15 -2.82 8.69
CA PHE A 48 -13.82 -2.42 7.32
C PHE A 48 -14.92 -1.62 6.65
N GLU A 49 -16.17 -1.99 6.91
CA GLU A 49 -17.31 -1.38 6.21
C GLU A 49 -17.81 -0.13 6.91
N GLU A 50 -17.67 -0.09 8.23
CA GLU A 50 -18.36 0.93 9.00
C GLU A 50 -17.46 1.94 9.68
N ASP A 51 -16.29 1.51 10.12
CA ASP A 51 -15.41 2.36 10.91
C ASP A 51 -14.31 3.00 10.05
N PHE A 52 -13.56 2.18 9.32
CA PHE A 52 -12.54 2.72 8.41
C PHE A 52 -13.29 3.50 7.33
N SER A 53 -13.02 4.80 7.23
CA SER A 53 -13.85 5.61 6.35
C SER A 53 -13.15 6.91 5.98
N PRO A 54 -13.24 7.32 4.69
CA PRO A 54 -12.66 8.60 4.30
C PRO A 54 -13.42 9.77 4.92
N ARG A 56 -13.52 10.20 7.97
CA ARG A 56 -12.56 10.53 9.04
C ARG A 56 -11.43 11.43 8.54
N GLY A 57 -10.77 11.02 7.45
CA GLY A 57 -9.79 11.90 6.80
C GLY A 57 -10.38 13.28 6.50
N ALA A 58 -11.61 13.31 5.98
CA ALA A 58 -12.30 14.59 5.67
C ALA A 58 -12.45 15.46 6.92
N GLU A 59 -12.76 14.82 8.04
CA GLU A 59 -12.85 15.52 9.32
C GLU A 59 -11.53 16.17 9.72
N LEU A 60 -10.44 15.44 9.52
CA LEU A 60 -9.09 15.94 9.82
C LEU A 60 -8.76 17.12 8.92
N VAL A 61 -9.13 17.02 7.64
CA VAL A 61 -8.85 18.09 6.70
C VAL A 61 -9.63 19.36 7.05
N ALA A 62 -10.92 19.20 7.31
CA ALA A 62 -11.78 20.34 7.67
C ALA A 62 -11.29 21.03 8.95
N ARG A 63 -10.86 20.23 9.93
CA ARG A 63 -10.26 20.78 11.14
C ARG A 63 -8.98 21.57 10.82
N ALA A 64 -8.08 20.98 10.02
CA ALA A 64 -6.84 21.66 9.65
C ALA A 64 -7.12 22.98 8.94
N TRP A 65 -8.14 22.99 8.08
CA TRP A 65 -8.50 24.17 7.30
C TRP A 65 -9.02 25.30 8.18
N THR A 66 -9.63 24.95 9.30
CA THR A 66 -10.29 25.96 10.16
C THR A 66 -9.53 26.26 11.45
N ASP A 67 -8.47 25.50 11.71
CA ASP A 67 -7.72 25.58 12.97
C ASP A 67 -6.23 25.58 12.66
N PRO A 68 -5.60 26.77 12.57
CA PRO A 68 -4.15 26.80 12.27
C PRO A 68 -3.30 26.02 13.26
N PHE A 70 -4.13 23.24 14.72
CA PHE A 70 -4.22 21.79 14.39
C PHE A 70 -3.50 21.49 13.08
N ARG A 71 -3.61 22.40 12.12
CA ARG A 71 -2.93 22.22 10.84
C ARG A 71 -1.43 22.02 11.03
N LEU A 73 0.03 20.90 13.76
CA LEU A 73 0.23 19.58 14.40
C LEU A 73 0.09 18.46 13.36
N LEU A 74 -0.93 18.54 12.53
CA LEU A 74 -1.17 17.50 11.50
C LEU A 74 0.02 17.36 10.55
N LEU A 75 0.67 18.48 10.24
CA LEU A 75 1.76 18.47 9.27
C LEU A 75 3.13 18.14 9.88
N THR A 76 3.24 18.25 11.20
CA THR A 76 4.52 18.03 11.88
C THR A 76 4.56 16.71 12.64
N ASP A 77 3.41 16.29 13.16
CA ASP A 77 3.27 15.02 13.86
C ASP A 77 1.89 14.44 13.53
N GLY A 78 1.76 13.92 12.32
CA GLY A 78 0.49 13.37 11.83
C GLY A 78 -0.09 12.32 12.75
N THR A 79 0.77 11.47 13.30
CA THR A 79 0.30 10.40 14.18
C THR A 79 -0.40 10.99 15.40
N ALA A 80 0.23 11.99 16.02
CA ALA A 80 -0.35 12.62 17.21
C ALA A 80 -1.69 13.28 16.90
N ALA A 81 -1.76 13.97 15.76
CA ALA A 81 -2.96 14.66 15.33
C ALA A 81 -4.11 13.68 15.15
N VAL A 82 -3.83 12.58 14.45
CA VAL A 82 -4.83 11.55 14.20
C VAL A 82 -5.28 10.87 15.51
N ALA A 83 -4.32 10.65 16.40
CA ALA A 83 -4.59 10.02 17.70
C ALA A 83 -5.55 10.85 18.54
N GLN A 84 -5.54 12.17 18.35
CA GLN A 84 -6.45 13.05 19.09
C GLN A 84 -7.91 12.77 18.78
N TYR A 85 -8.17 12.34 17.54
CA TYR A 85 -9.51 11.96 17.10
C TYR A 85 -9.83 10.48 17.37
N GLY A 86 -8.81 9.75 17.79
CA GLY A 86 -8.92 8.31 18.04
C GLY A 86 -8.94 7.48 16.77
N TYR A 87 -8.33 8.01 15.70
CA TYR A 87 -8.40 7.35 14.39
C TYR A 87 -7.16 6.56 13.95
N LEU A 88 -6.22 6.31 14.88
CA LEU A 88 -5.15 5.36 14.56
C LEU A 88 -5.73 3.96 14.47
N GLY A 89 -5.12 3.11 13.66
CA GLY A 89 -5.60 1.73 13.57
C GLY A 89 -4.74 0.90 12.65
N PRO A 90 -5.20 -0.31 12.34
CA PRO A 90 -4.45 -1.18 11.43
C PRO A 90 -4.17 -0.48 10.12
N GLN A 91 -2.92 -0.55 9.65
CA GLN A 91 -2.48 0.12 8.41
C GLN A 91 -2.64 1.64 8.51
N GLY A 92 -2.50 2.16 9.73
CA GLY A 92 -2.68 3.60 9.97
C GLY A 92 -2.14 3.98 11.33
N GLU A 93 -0.95 3.46 11.64
CA GLU A 93 -0.34 3.64 12.95
C GLU A 93 0.71 4.74 12.97
N TYR A 94 1.35 4.99 11.83
CA TYR A 94 2.33 6.07 11.67
C TYR A 94 1.83 6.89 10.49
N ILE A 95 1.28 8.08 10.79
CA ILE A 95 0.64 8.90 9.77
C ILE A 95 1.48 10.12 9.40
N VAL A 96 1.61 10.37 8.11
CA VAL A 96 2.18 11.63 7.63
C VAL A 96 1.20 12.28 6.65
N ALA A 97 0.83 13.52 6.93
CA ALA A 97 -0.02 14.32 6.05
C ALA A 97 0.87 15.16 5.18
N VAL A 98 0.56 15.21 3.90
CA VAL A 98 1.38 15.96 2.96
C VAL A 98 0.58 17.12 2.38
N GLU A 99 1.15 18.32 2.42
CA GLU A 99 0.38 19.54 2.13
C GLU A 99 0.51 20.00 0.69
N ASP A 100 -0.63 20.13 0.02
CA ASP A 100 -0.67 20.77 -1.29
C ASP A 100 -0.49 22.28 -1.11
N THR A 101 0.15 22.90 -2.10
CA THR A 101 0.41 24.34 -2.06
C THR A 101 0.09 24.92 -3.44
N PRO A 102 0.10 26.27 -3.60
CA PRO A 102 -0.17 26.80 -4.94
C PRO A 102 0.86 26.34 -5.99
N THR A 103 1.97 25.76 -5.56
CA THR A 103 2.96 25.26 -6.53
C THR A 103 3.19 23.75 -6.46
N LEU A 104 2.40 23.04 -5.65
CA LEU A 104 2.66 21.62 -5.41
C LEU A 104 1.37 20.80 -5.26
N LYS A 105 1.29 19.70 -6.01
CA LYS A 105 0.18 18.75 -5.87
C LYS A 105 0.77 17.39 -5.49
N ASN A 106 0.29 16.85 -4.38
CA ASN A 106 0.73 15.54 -3.87
C ASN A 106 -0.24 14.43 -4.28
N VAL A 107 0.30 13.25 -4.54
CA VAL A 107 -0.54 12.08 -4.93
C VAL A 107 0.08 10.86 -4.26
N ILE A 108 -0.76 9.93 -3.78
CA ILE A 108 -0.30 8.73 -3.07
C ILE A 108 -0.59 7.47 -3.88
N VAL A 109 0.35 6.54 -3.84
CA VAL A 109 0.16 5.20 -4.44
C VAL A 109 0.89 4.16 -3.59
N CYS A 110 0.57 2.88 -3.80
CA CYS A 110 1.44 1.80 -3.37
C CYS A 110 1.80 0.99 -4.62
N SER A 111 2.93 1.31 -5.25
CA SER A 111 3.25 0.67 -6.52
C SER A 111 3.44 -0.85 -6.34
N LEU A 112 3.84 -1.26 -5.14
CA LEU A 112 4.21 -2.67 -4.89
C LEU A 112 3.03 -3.54 -4.49
N CSD A 113 1.91 -2.92 -4.11
CA CSD A 113 0.70 -3.65 -3.68
CB CSD A 113 0.91 -4.52 -2.42
SG CSD A 113 1.68 -3.61 -1.08
C CSD A 113 -0.52 -2.74 -3.56
O CSD A 113 -1.23 -2.55 -4.58
OD1 CSD A 113 1.62 -4.66 0.05
OD2 CSD A 113 3.14 -3.34 -1.48
N ALA A 114 -0.82 -2.22 -2.38
CA ALA A 114 -2.05 -1.39 -2.21
C ALA A 114 -2.05 -0.54 -0.96
N CSO A 115 -0.90 -0.51 -0.31
CA CSO A 115 -0.76 0.18 0.97
CB CSO A 115 0.72 0.25 1.40
SG CSO A 115 1.46 -1.40 1.20
C CSO A 115 -1.45 1.56 1.00
O CSO A 115 -1.24 2.41 0.13
OD CSO A 115 0.77 -2.39 2.46
N THR A 116 -2.27 1.73 2.03
CA THR A 116 -3.22 2.83 2.18
C THR A 116 -3.43 3.05 3.67
N ALA A 117 -3.62 4.32 4.07
CA ALA A 117 -4.03 4.67 5.44
C ALA A 117 -5.49 4.21 5.70
N TRP A 118 -5.71 2.91 5.89
CA TRP A 118 -7.08 2.38 6.03
C TRP A 118 -8.03 3.15 6.97
N PRO A 119 -7.60 3.44 8.22
CA PRO A 119 -8.59 3.94 9.18
C PRO A 119 -9.16 5.29 8.80
N ILE A 120 -8.38 6.11 8.08
CA ILE A 120 -8.78 7.49 7.76
C ILE A 120 -9.13 7.75 6.29
N LEU A 121 -8.70 6.85 5.40
CA LEU A 121 -9.07 6.90 3.99
C LEU A 121 -10.10 5.82 3.58
N GLY A 122 -10.25 4.80 4.42
CA GLY A 122 -11.02 3.59 4.07
C GLY A 122 -10.15 2.63 3.26
N LEU A 123 -10.59 1.38 3.16
CA LEU A 123 -9.85 0.42 2.33
C LEU A 123 -9.71 0.94 0.89
N PRO A 124 -8.57 0.62 0.23
CA PRO A 124 -8.39 1.19 -1.11
C PRO A 124 -9.43 0.69 -2.10
N PRO A 125 -9.80 1.55 -3.07
CA PRO A 125 -10.71 1.18 -4.14
C PRO A 125 -10.01 0.31 -5.20
N THR A 126 -10.80 -0.45 -5.95
CA THR A 126 -10.26 -1.28 -7.02
C THR A 126 -9.29 -0.50 -7.92
N TRP A 127 -9.65 0.72 -8.31
CA TRP A 127 -8.78 1.45 -9.24
C TRP A 127 -7.40 1.73 -8.66
N TYR A 128 -7.34 1.96 -7.36
CA TYR A 128 -6.05 2.32 -6.72
C TYR A 128 -5.14 1.09 -6.70
N LYS A 129 -5.77 -0.08 -6.61
CA LYS A 129 -5.05 -1.34 -6.60
C LYS A 129 -4.74 -1.83 -8.01
N SER A 130 -5.21 -1.11 -9.03
CA SER A 130 -5.06 -1.58 -10.40
C SER A 130 -3.61 -1.55 -10.87
N PHE A 131 -3.24 -2.47 -11.76
CA PHE A 131 -1.88 -2.42 -12.31
C PHE A 131 -1.67 -1.10 -13.07
N GLU A 132 -2.73 -0.58 -13.68
CA GLU A 132 -2.65 0.68 -14.44
C GLU A 132 -2.18 1.83 -13.54
N TYR A 133 -2.82 1.96 -12.38
CA TYR A 133 -2.45 3.04 -11.46
C TYR A 133 -1.06 2.80 -10.86
N ARG A 134 -0.82 1.57 -10.41
CA ARG A 134 0.46 1.20 -9.80
C ARG A 134 1.64 1.37 -10.75
N ALA A 135 1.43 1.10 -12.04
CA ALA A 135 2.54 1.21 -13.02
C ALA A 135 2.74 2.66 -13.44
N ARG A 136 1.62 3.36 -13.65
CA ARG A 136 1.66 4.64 -14.39
C ARG A 136 1.80 5.88 -13.53
N VAL A 137 1.15 5.92 -12.37
CA VAL A 137 1.15 7.20 -11.63
C VAL A 137 2.56 7.67 -11.19
N VAL A 138 3.47 6.74 -10.92
CA VAL A 138 4.83 7.10 -10.50
C VAL A 138 5.59 7.80 -11.63
N ARG A 139 5.31 7.40 -12.87
CA ARG A 139 6.03 7.89 -14.03
C ARG A 139 5.34 9.02 -14.82
N GLU A 140 4.01 8.97 -14.91
CA GLU A 140 3.25 9.99 -15.64
C GLU A 140 2.03 10.44 -14.84
N PRO A 141 2.29 11.00 -13.64
CA PRO A 141 1.16 11.41 -12.81
C PRO A 141 0.29 12.51 -13.46
N ARG A 142 0.89 13.40 -14.25
CA ARG A 142 0.07 14.46 -14.86
C ARG A 142 -0.95 13.88 -15.84
N LYS A 143 -0.49 12.97 -16.71
CA LYS A 143 -1.36 12.29 -17.66
C LYS A 143 -2.41 11.44 -16.94
N VAL A 144 -2.00 10.70 -15.92
CA VAL A 144 -2.95 9.88 -15.19
C VAL A 144 -4.07 10.74 -14.58
N LEU A 145 -3.70 11.77 -13.85
CA LEU A 145 -4.70 12.64 -13.26
C LEU A 145 -5.59 13.25 -14.33
N SER A 146 -4.99 13.68 -15.43
CA SER A 146 -5.76 14.32 -16.49
C SER A 146 -6.84 13.38 -17.02
N GLU A 147 -6.42 12.14 -17.30
CA GLU A 147 -7.33 11.10 -17.76
C GLU A 147 -8.45 10.81 -16.76
N MET A 148 -8.14 10.92 -15.47
CA MET A 148 -9.10 10.69 -14.40
C MET A 148 -10.03 11.88 -14.19
N GLY A 149 -9.76 13.01 -14.87
CA GLY A 149 -10.61 14.20 -14.77
C GLY A 149 -10.05 15.36 -13.94
N THR A 150 -8.77 15.29 -13.58
CA THR A 150 -8.13 16.34 -12.80
C THR A 150 -7.00 16.98 -13.59
N GLU A 151 -7.21 18.21 -14.02
CA GLU A 151 -6.21 18.93 -14.77
C GLU A 151 -5.31 19.70 -13.82
N ILE A 152 -4.05 19.32 -13.75
CA ILE A 152 -3.10 20.06 -12.93
C ILE A 152 -2.43 21.10 -13.80
N ALA A 153 -2.57 22.37 -13.39
CA ALA A 153 -1.98 23.51 -14.08
C ALA A 153 -0.50 23.28 -14.32
N SER A 154 -0.02 23.70 -15.48
CA SER A 154 1.38 23.53 -15.86
C SER A 154 2.38 24.14 -14.88
N ASP A 155 1.97 25.18 -14.14
CA ASP A 155 2.84 25.83 -13.16
C ASP A 155 2.85 25.14 -11.79
N ILE A 156 2.35 23.91 -11.72
CA ILE A 156 2.32 23.18 -10.44
C ILE A 156 3.14 21.87 -10.50
N GLU A 157 4.09 21.71 -9.57
CA GLU A 157 4.88 20.48 -9.43
C GLU A 157 4.01 19.34 -8.91
N ILE A 158 4.15 18.15 -9.50
CA ILE A 158 3.49 16.96 -8.95
C ILE A 158 4.50 16.09 -8.21
N ARG A 159 4.13 15.73 -6.99
CA ARG A 159 4.95 14.88 -6.15
C ARG A 159 4.16 13.62 -5.79
N VAL A 160 4.71 12.47 -6.19
CA VAL A 160 4.07 11.18 -5.93
C VAL A 160 4.74 10.50 -4.74
N TYR A 161 3.94 10.14 -3.74
CA TYR A 161 4.43 9.38 -2.58
C TYR A 161 4.13 7.89 -2.79
N ASP A 162 5.19 7.10 -2.90
CA ASP A 162 5.05 5.64 -3.04
C ASP A 162 5.13 5.03 -1.64
N THR A 163 4.04 4.37 -1.24
CA THR A 163 3.86 3.84 0.10
C THR A 163 4.57 2.48 0.23
N THR A 164 5.87 2.52 0.46
CA THR A 164 6.74 1.36 0.37
C THR A 164 7.13 0.74 1.72
N ALA A 165 6.84 1.47 2.81
CA ALA A 165 7.17 0.96 4.14
C ALA A 165 5.98 1.11 5.09
N GLU A 166 6.20 1.68 6.27
CA GLU A 166 5.13 1.76 7.27
C GLU A 166 4.45 3.12 7.40
N THR A 167 5.04 4.17 6.82
CA THR A 167 4.36 5.47 6.77
C THR A 167 3.08 5.30 5.97
N ARG A 168 1.99 5.85 6.49
CA ARG A 168 0.72 5.85 5.79
C ARG A 168 0.32 7.30 5.62
N TYR A 169 0.00 7.64 4.38
CA TYR A 169 -0.15 9.05 3.99
C TYR A 169 -1.59 9.50 3.81
N MET A 170 -1.83 10.79 4.04
CA MET A 170 -3.05 11.43 3.58
C MET A 170 -2.62 12.74 2.96
N VAL A 171 -3.32 13.14 1.90
CA VAL A 171 -3.12 14.48 1.35
C VAL A 171 -3.97 15.53 2.07
N LEU A 172 -3.33 16.65 2.44
CA LEU A 172 -4.07 17.85 2.85
C LEU A 172 -4.20 18.76 1.63
N PRO A 173 -5.37 18.72 0.96
CA PRO A 173 -5.53 19.49 -0.28
C PRO A 173 -5.69 20.97 0.03
N GLN A 174 -5.49 21.79 -0.99
CA GLN A 174 -5.76 23.22 -0.84
C GLN A 174 -7.25 23.46 -0.62
N ARG A 175 -7.53 24.45 0.22
CA ARG A 175 -8.91 24.84 0.45
C ARG A 175 -9.38 25.72 -0.68
N PRO A 176 -10.45 25.29 -1.37
CA PRO A 176 -10.90 26.04 -2.54
C PRO A 176 -11.56 27.36 -2.16
N ALA A 177 -11.43 28.35 -3.03
CA ALA A 177 -12.12 29.62 -2.86
C ALA A 177 -13.62 29.39 -2.97
N GLY A 178 -14.39 30.25 -2.30
CA GLY A 178 -15.82 30.08 -2.24
C GLY A 178 -16.31 29.29 -1.04
N THR A 179 -15.38 28.83 -0.19
CA THR A 179 -15.73 28.10 1.03
C THR A 179 -15.44 28.89 2.30
N GLU A 180 -15.20 30.18 2.14
CA GLU A 180 -14.85 31.02 3.29
C GLU A 180 -15.99 31.04 4.29
N GLY A 181 -15.66 30.77 5.55
CA GLY A 181 -16.65 30.80 6.60
C GLY A 181 -17.52 29.56 6.76
N TRP A 182 -17.34 28.57 5.88
CA TRP A 182 -18.13 27.33 5.97
C TRP A 182 -17.83 26.62 7.28
N SER A 183 -18.82 25.88 7.78
CA SER A 183 -18.63 25.09 8.98
C SER A 183 -17.78 23.86 8.67
N GLN A 184 -17.23 23.23 9.70
CA GLN A 184 -16.40 22.03 9.53
C GLN A 184 -17.23 20.92 8.91
N GLN A 186 -19.79 21.42 6.70
CA GLN A 186 -19.87 21.78 5.30
C GLN A 186 -18.59 21.51 4.53
N LEU A 187 -17.44 21.78 5.15
CA LEU A 187 -16.16 21.54 4.51
C LEU A 187 -15.91 20.05 4.31
N GLN A 188 -16.31 19.27 5.31
CA GLN A 188 -16.11 17.82 5.26
C GLN A 188 -16.76 17.23 4.03
N ILE A 190 -17.04 18.22 1.02
CA ILE A 190 -16.36 18.36 -0.26
C ILE A 190 -14.96 17.70 -0.29
N VAL A 191 -14.51 17.19 0.85
CA VAL A 191 -13.26 16.45 0.90
C VAL A 191 -13.61 14.96 0.70
N THR A 192 -13.45 14.49 -0.52
CA THR A 192 -13.78 13.11 -0.86
C THR A 192 -12.59 12.17 -0.69
N LYS A 193 -12.86 10.87 -0.83
CA LYS A 193 -11.80 9.85 -0.77
C LYS A 193 -10.68 10.19 -1.76
N ASP A 194 -11.07 10.55 -2.97
CA ASP A 194 -10.11 10.90 -4.03
C ASP A 194 -9.27 12.14 -3.71
N CYS A 195 -9.85 13.08 -2.96
CA CYS A 195 -9.07 14.24 -2.46
C CYS A 195 -7.97 13.80 -1.48
N LEU A 196 -8.30 12.84 -0.63
CA LEU A 196 -7.35 12.34 0.37
C LEU A 196 -6.22 11.53 -0.23
N ILE A 197 -6.51 10.81 -1.30
CA ILE A 197 -5.51 10.06 -2.04
C ILE A 197 -4.64 11.02 -2.87
N GLY A 198 -5.25 12.10 -3.36
CA GLY A 198 -4.52 13.14 -4.08
C GLY A 198 -4.85 13.22 -5.56
N VAL A 199 -5.71 12.33 -6.05
CA VAL A 199 -6.09 12.38 -7.46
C VAL A 199 -7.16 13.40 -7.82
N ALA A 200 -7.86 13.94 -6.81
CA ALA A 200 -8.91 14.95 -7.03
C ALA A 200 -8.61 16.20 -6.21
N ILE A 201 -9.14 17.33 -6.68
CA ILE A 201 -9.10 18.59 -5.92
C ILE A 201 -10.50 18.86 -5.39
N PRO A 202 -10.65 19.30 -4.11
CA PRO A 202 -12.00 19.58 -3.59
C PRO A 202 -12.74 20.59 -4.45
N GLN A 203 -14.00 20.30 -4.73
CA GLN A 203 -14.85 21.10 -5.63
C GLN A 203 -15.90 21.85 -4.83
N VAL A 204 -16.10 23.12 -5.16
CA VAL A 204 -17.22 23.88 -4.60
C VAL A 204 -18.38 23.85 -5.60
N PRO A 205 -19.58 23.41 -5.17
CA PRO A 205 -20.80 23.44 -5.99
C PRO A 205 -21.08 24.78 -6.70
N MET B 1 12.81 -8.86 -4.49
CA MET B 1 12.58 -9.85 -5.56
C MET B 1 12.15 -9.07 -6.80
N ASP B 2 12.83 -9.29 -7.93
CA ASP B 2 12.54 -8.53 -9.13
C ASP B 2 11.36 -9.15 -9.87
N GLY B 3 10.22 -9.22 -9.16
CA GLY B 3 9.05 -9.94 -9.68
C GLY B 3 8.15 -9.02 -10.49
N VAL B 4 7.13 -9.61 -11.11
CA VAL B 4 6.17 -8.81 -11.89
C VAL B 4 5.35 -7.83 -11.05
N HIS B 5 5.31 -8.06 -9.72
CA HIS B 5 4.63 -7.13 -8.82
C HIS B 5 5.32 -5.74 -8.76
N ASP B 6 6.56 -5.66 -9.23
CA ASP B 6 7.30 -4.40 -9.11
C ASP B 6 6.95 -3.60 -10.37
N LEU B 7 5.77 -2.98 -10.29
CA LEU B 7 5.12 -2.42 -11.50
C LEU B 7 5.45 -0.96 -11.82
N ALA B 8 5.90 -0.19 -10.83
CA ALA B 8 6.17 1.24 -11.06
C ALA B 8 7.07 1.41 -12.28
N GLY B 9 6.64 2.25 -13.21
CA GLY B 9 7.43 2.56 -14.40
C GLY B 9 7.23 1.63 -15.57
N VAL B 10 6.55 0.49 -15.36
CA VAL B 10 6.20 -0.35 -16.50
C VAL B 10 5.32 0.40 -17.50
N GLN B 11 5.64 0.25 -18.79
CA GLN B 11 4.92 0.96 -19.83
C GLN B 11 4.04 0.00 -20.63
N GLY B 12 2.92 0.50 -21.15
CA GLY B 12 2.00 -0.29 -21.96
C GLY B 12 0.61 -0.48 -21.36
N PHE B 13 0.44 -0.14 -20.09
CA PHE B 13 -0.90 -0.18 -19.51
C PHE B 13 -1.78 0.93 -20.05
N GLY B 14 -3.07 0.65 -20.07
CA GLY B 14 -4.07 1.65 -20.48
C GLY B 14 -4.55 2.54 -19.35
N LYS B 15 -5.76 3.05 -19.53
CA LYS B 15 -6.34 4.01 -18.59
C LYS B 15 -6.67 3.38 -17.26
N VAL B 16 -6.44 4.15 -16.20
CA VAL B 16 -6.90 3.77 -14.86
C VAL B 16 -8.42 3.68 -14.89
N PRO B 17 -9.00 2.59 -14.39
CA PRO B 17 -10.45 2.44 -14.50
C PRO B 17 -11.24 3.23 -13.44
N HIS B 18 -11.15 4.56 -13.54
CA HIS B 18 -11.83 5.44 -12.60
C HIS B 18 -11.78 6.86 -13.14
N THR B 19 -12.88 7.58 -12.95
CA THR B 19 -12.89 9.04 -13.09
C THR B 19 -13.14 9.60 -11.70
N VAL B 20 -12.52 10.74 -11.40
CA VAL B 20 -12.56 11.24 -10.03
C VAL B 20 -13.96 11.41 -9.43
N ASN B 21 -14.08 10.96 -8.19
CA ASN B 21 -15.34 11.02 -7.42
C ASN B 21 -16.47 10.17 -7.96
N ALA B 22 -16.17 9.30 -8.92
CA ALA B 22 -17.14 8.35 -9.43
C ALA B 22 -17.46 7.37 -8.30
N ASP B 23 -18.72 6.94 -8.25
CA ASP B 23 -19.17 5.95 -7.28
C ASP B 23 -18.35 4.65 -7.41
N ILE B 24 -17.70 4.23 -6.33
CA ILE B 24 -16.89 3.00 -6.35
C ILE B 24 -17.67 1.79 -5.80
N GLY B 25 -18.95 1.98 -5.49
CA GLY B 25 -19.78 0.91 -4.96
C GLY B 25 -19.41 0.59 -3.51
N PRO B 26 -19.90 -0.54 -2.99
CA PRO B 26 -19.64 -0.94 -1.61
C PRO B 26 -18.19 -1.29 -1.36
N THR B 27 -17.78 -1.30 -0.10
CA THR B 27 -16.42 -1.71 0.26
C THR B 27 -16.10 -3.08 -0.33
N PHE B 28 -17.03 -4.01 -0.18
CA PHE B 28 -16.86 -5.37 -0.66
C PHE B 28 -17.90 -5.66 -1.72
N HIS B 29 -17.43 -6.12 -2.87
CA HIS B 29 -18.30 -6.34 -4.02
C HIS B 29 -18.76 -7.79 -4.11
N ALA B 30 -18.29 -8.61 -3.18
CA ALA B 30 -18.75 -10.00 -3.08
C ALA B 30 -18.66 -10.44 -1.63
N GLU B 31 -19.47 -11.45 -1.28
CA GLU B 31 -19.63 -11.84 0.13
C GLU B 31 -18.41 -12.47 0.78
N TRP B 32 -17.42 -12.87 -0.02
CA TRP B 32 -16.21 -13.46 0.51
C TRP B 32 -15.06 -12.45 0.67
N GLU B 33 -15.20 -11.23 0.14
CA GLU B 33 -14.01 -10.37 0.01
C GLU B 33 -13.38 -9.88 1.32
N HIS B 34 -14.14 -9.89 2.41
CA HIS B 34 -13.59 -9.52 3.72
C HIS B 34 -12.74 -10.63 4.32
N LEU B 35 -12.83 -11.83 3.75
CA LEU B 35 -12.08 -12.96 4.31
C LEU B 35 -10.55 -12.89 4.26
N PRO B 36 -9.95 -12.55 3.09
CA PRO B 36 -8.48 -12.51 3.08
C PRO B 36 -7.86 -11.63 4.17
N TYR B 37 -8.37 -10.40 4.36
CA TYR B 37 -7.81 -9.54 5.40
C TYR B 37 -8.09 -10.10 6.79
N SER B 38 -9.32 -10.54 7.00
CA SER B 38 -9.77 -11.06 8.31
C SER B 38 -8.90 -12.26 8.72
N LEU B 39 -8.74 -13.19 7.78
CA LEU B 39 -7.94 -14.38 8.04
C LEU B 39 -6.43 -14.11 8.12
N MET B 40 -5.95 -13.08 7.41
N MET B 40 -5.96 -13.08 7.41
CA MET B 40 -4.57 -12.63 7.60
CA MET B 40 -4.60 -12.61 7.57
C MET B 40 -4.38 -12.17 9.05
C MET B 40 -4.37 -12.14 9.02
N PHE B 41 -5.30 -11.35 9.55
CA PHE B 41 -5.20 -10.88 10.94
C PHE B 41 -5.32 -12.01 11.95
N ALA B 42 -6.17 -13.00 11.68
CA ALA B 42 -6.20 -14.22 12.51
C ALA B 42 -4.79 -14.83 12.57
N GLY B 43 -4.18 -15.02 11.40
CA GLY B 43 -2.81 -15.56 11.34
C GLY B 43 -1.75 -14.73 12.03
N VAL B 44 -1.82 -13.40 11.83
CA VAL B 44 -0.81 -12.50 12.39
C VAL B 44 -1.04 -12.28 13.89
N ALA B 45 -2.24 -11.85 14.25
CA ALA B 45 -2.51 -11.32 15.59
C ALA B 45 -2.97 -12.39 16.58
N GLU B 46 -3.73 -13.37 16.10
CA GLU B 46 -4.26 -14.40 16.99
C GLU B 46 -3.32 -15.61 17.07
N LEU B 47 -2.89 -16.11 15.91
CA LEU B 47 -2.01 -17.28 15.87
C LEU B 47 -0.54 -16.97 16.00
N GLY B 48 -0.11 -15.77 15.59
CA GLY B 48 1.31 -15.48 15.54
C GLY B 48 2.07 -16.37 14.57
N ALA B 49 1.40 -16.80 13.50
CA ALA B 49 1.92 -17.77 12.52
C ALA B 49 2.84 -17.14 11.48
N PHE B 50 2.60 -15.86 11.20
CA PHE B 50 3.38 -15.12 10.21
C PHE B 50 3.22 -13.62 10.43
N SER B 51 4.07 -12.84 9.78
N SER B 51 4.07 -12.85 9.76
CA SER B 51 4.01 -11.38 9.80
CA SER B 51 4.00 -11.39 9.79
C SER B 51 3.23 -10.86 8.58
C SER B 51 3.20 -10.87 8.60
N VAL B 52 2.82 -9.60 8.64
CA VAL B 52 2.21 -8.95 7.46
C VAL B 52 3.23 -8.98 6.29
N ASP B 53 4.52 -8.84 6.62
CA ASP B 53 5.58 -8.86 5.60
C ASP B 53 5.61 -10.20 4.85
N GLU B 54 5.39 -11.30 5.59
CA GLU B 54 5.28 -12.61 4.95
C GLU B 54 4.11 -12.70 3.97
N VAL B 55 3.01 -12.02 4.30
CA VAL B 55 1.86 -11.96 3.38
C VAL B 55 2.25 -11.21 2.09
N ARG B 56 2.93 -10.08 2.24
CA ARG B 56 3.33 -9.37 1.02
C ARG B 56 4.23 -10.28 0.18
N TYR B 57 5.17 -10.96 0.82
CA TYR B 57 6.11 -11.77 0.06
C TYR B 57 5.45 -12.98 -0.60
N VAL B 58 4.56 -13.65 0.12
CA VAL B 58 3.90 -14.83 -0.47
C VAL B 58 3.05 -14.45 -1.71
N VAL B 59 2.45 -13.24 -1.69
CA VAL B 59 1.76 -12.73 -2.91
C VAL B 59 2.76 -12.47 -4.04
N GLU B 60 3.92 -11.89 -3.70
CA GLU B 60 4.98 -11.69 -4.69
C GLU B 60 5.42 -13.00 -5.30
N ARG B 61 5.25 -14.10 -4.54
CA ARG B 61 5.68 -15.42 -4.96
C ARG B 61 4.66 -16.17 -5.82
N MET B 62 3.50 -15.54 -6.09
CA MET B 62 2.60 -16.14 -7.05
C MET B 62 3.33 -16.35 -8.37
N GLU B 63 3.05 -17.47 -9.04
CA GLU B 63 3.63 -17.64 -10.38
C GLU B 63 3.27 -16.39 -11.22
N PRO B 64 4.22 -15.85 -12.01
CA PRO B 64 3.98 -14.52 -12.60
C PRO B 64 2.69 -14.37 -13.43
N ARG B 65 2.40 -15.34 -14.29
N ARG B 65 2.43 -15.33 -14.32
CA ARG B 65 1.17 -15.28 -15.09
CA ARG B 65 1.18 -15.30 -15.10
C ARG B 65 -0.10 -15.46 -14.25
C ARG B 65 -0.03 -15.33 -14.16
N HIS B 66 0.04 -16.18 -13.14
CA HIS B 66 -1.03 -16.27 -12.16
C HIS B 66 -1.28 -14.91 -11.46
N TYR B 67 -0.21 -14.24 -11.04
CA TYR B 67 -0.32 -12.92 -10.43
C TYR B 67 -1.06 -11.97 -11.39
N MET B 68 -0.66 -12.01 -12.66
CA MET B 68 -1.13 -11.00 -13.63
C MET B 68 -2.59 -11.17 -13.96
N MET B 69 -3.12 -12.40 -13.81
CA MET B 69 -4.55 -12.63 -14.14
C MET B 69 -5.49 -12.63 -12.92
N THR B 70 -4.95 -12.44 -11.73
CA THR B 70 -5.72 -12.61 -10.48
C THR B 70 -6.11 -11.26 -9.87
N PRO B 71 -7.41 -11.04 -9.64
CA PRO B 71 -7.85 -9.84 -8.94
C PRO B 71 -7.22 -9.70 -7.56
N TYR B 72 -7.06 -8.45 -7.13
CA TYR B 72 -6.45 -8.17 -5.83
C TYR B 72 -6.86 -9.09 -4.66
N TYR B 73 -8.16 -9.08 -4.27
CA TYR B 73 -8.55 -9.81 -3.06
C TYR B 73 -8.26 -11.31 -3.21
N GLU B 74 -8.40 -11.82 -4.42
CA GLU B 74 -8.10 -13.23 -4.67
C GLU B 74 -6.62 -13.53 -4.44
N ARG B 75 -5.72 -12.59 -4.78
CA ARG B 75 -4.29 -12.82 -4.51
C ARG B 75 -4.04 -13.08 -3.02
N TYR B 76 -4.78 -12.38 -2.17
CA TYR B 76 -4.61 -12.55 -0.71
C TYR B 76 -5.24 -13.83 -0.17
N VAL B 77 -6.34 -14.27 -0.80
CA VAL B 77 -6.87 -15.60 -0.50
C VAL B 77 -5.80 -16.65 -0.81
N ILE B 78 -5.20 -16.57 -1.99
CA ILE B 78 -4.12 -17.50 -2.36
C ILE B 78 -2.91 -17.37 -1.44
N GLY B 79 -2.50 -16.14 -1.12
CA GLY B 79 -1.33 -15.92 -0.28
C GLY B 79 -1.49 -16.44 1.13
N VAL B 80 -2.61 -16.10 1.77
CA VAL B 80 -2.84 -16.52 3.17
C VAL B 80 -2.95 -18.04 3.16
N ALA B 81 -3.68 -18.59 2.21
CA ALA B 81 -3.78 -20.07 2.10
C ALA B 81 -2.38 -20.70 1.99
N THR B 82 -1.53 -20.10 1.15
CA THR B 82 -0.17 -20.63 0.94
C THR B 82 0.60 -20.62 2.24
N LEU B 83 0.51 -19.52 2.98
CA LEU B 83 1.24 -19.43 4.25
C LEU B 83 0.76 -20.47 5.25
N MET B 84 -0.55 -20.68 5.33
CA MET B 84 -1.11 -21.69 6.25
C MET B 84 -0.59 -23.09 5.89
N VAL B 85 -0.43 -23.35 4.60
CA VAL B 85 0.15 -24.64 4.18
C VAL B 85 1.65 -24.71 4.50
N GLU B 86 2.40 -23.67 4.18
CA GLU B 86 3.85 -23.65 4.42
C GLU B 86 4.19 -23.75 5.90
N LYS B 87 3.34 -23.18 6.74
CA LYS B 87 3.55 -23.19 8.19
C LYS B 87 3.04 -24.50 8.85
N GLY B 88 2.47 -25.39 8.04
CA GLY B 88 2.01 -26.71 8.53
C GLY B 88 0.70 -26.67 9.27
N ILE B 89 -0.04 -25.56 9.14
CA ILE B 89 -1.32 -25.40 9.82
C ILE B 89 -2.46 -26.05 9.02
N LEU B 90 -2.41 -25.88 7.70
CA LEU B 90 -3.35 -26.53 6.79
C LEU B 90 -2.57 -27.37 5.77
N THR B 91 -3.31 -28.23 5.08
CA THR B 91 -2.77 -28.94 3.92
C THR B 91 -3.48 -28.49 2.68
N GLN B 92 -2.80 -28.57 1.54
CA GLN B 92 -3.46 -28.25 0.27
C GLN B 92 -4.60 -29.21 -0.01
N ASP B 93 -4.43 -30.48 0.39
CA ASP B 93 -5.49 -31.48 0.22
C ASP B 93 -6.80 -31.00 0.83
N GLU B 94 -6.74 -30.53 2.08
CA GLU B 94 -7.99 -30.17 2.74
C GLU B 94 -8.62 -28.93 2.12
N LEU B 95 -7.76 -27.98 1.71
CA LEU B 95 -8.27 -26.79 0.99
C LEU B 95 -9.00 -27.15 -0.31
N GLU B 96 -8.41 -28.06 -1.08
CA GLU B 96 -9.03 -28.45 -2.36
C GLU B 96 -10.28 -29.30 -2.15
N SER B 97 -10.25 -30.15 -1.12
CA SER B 97 -11.42 -30.92 -0.75
C SER B 97 -12.60 -30.01 -0.41
N LEU B 98 -12.33 -29.02 0.46
CA LEU B 98 -13.37 -28.08 0.88
C LEU B 98 -13.81 -27.15 -0.26
N ALA B 99 -12.86 -26.75 -1.10
CA ALA B 99 -13.18 -25.92 -2.27
C ALA B 99 -13.90 -26.66 -3.39
N GLY B 100 -13.74 -27.98 -3.44
CA GLY B 100 -14.36 -28.80 -4.49
C GLY B 100 -13.66 -28.67 -5.82
N GLY B 101 -12.37 -28.35 -5.79
CA GLY B 101 -11.60 -28.20 -7.00
C GLY B 101 -10.21 -27.64 -6.75
N PRO B 102 -9.47 -27.33 -7.83
CA PRO B 102 -8.09 -26.88 -7.73
C PRO B 102 -7.92 -25.57 -6.94
N PHE B 103 -6.90 -25.54 -6.11
CA PHE B 103 -6.56 -24.38 -5.31
C PHE B 103 -5.04 -24.22 -5.42
N PRO B 104 -4.53 -23.83 -6.62
CA PRO B 104 -3.09 -23.64 -6.75
C PRO B 104 -2.57 -22.51 -5.87
N LEU B 105 -1.36 -22.68 -5.34
CA LEU B 105 -0.82 -21.77 -4.35
C LEU B 105 0.36 -20.99 -4.93
N SER B 106 0.92 -20.08 -4.14
CA SER B 106 2.16 -19.39 -4.55
C SER B 106 3.31 -20.38 -4.60
N ARG B 107 4.35 -20.01 -5.35
CA ARG B 107 5.51 -20.89 -5.52
C ARG B 107 6.35 -20.82 -4.27
N PRO B 108 7.11 -21.90 -3.99
CA PRO B 108 8.05 -21.86 -2.87
C PRO B 108 9.06 -20.73 -3.01
N SER B 109 9.52 -20.21 -1.87
CA SER B 109 10.56 -19.19 -1.87
C SER B 109 11.89 -19.74 -2.42
N GLU B 110 12.56 -18.92 -3.21
CA GLU B 110 13.88 -19.29 -3.70
C GLU B 110 15.00 -18.60 -2.95
N SER B 111 14.64 -17.95 -1.85
CA SER B 111 15.59 -17.23 -1.01
C SER B 111 15.27 -17.42 0.46
N GLU B 112 16.31 -17.57 1.28
CA GLU B 112 16.10 -17.67 2.72
C GLU B 112 15.98 -16.27 3.36
N GLY B 113 16.09 -15.22 2.56
CA GLY B 113 16.02 -13.86 3.07
C GLY B 113 17.39 -13.42 3.50
N ARG B 114 17.46 -12.25 4.13
CA ARG B 114 18.75 -11.74 4.62
C ARG B 114 18.50 -10.96 5.90
N PRO B 115 19.50 -10.93 6.80
CA PRO B 115 19.32 -10.19 8.04
C PRO B 115 19.37 -8.68 7.83
N ALA B 116 18.86 -7.94 8.82
CA ALA B 116 19.06 -6.51 8.85
C ALA B 116 20.57 -6.26 8.87
N PRO B 117 21.06 -5.34 8.03
CA PRO B 117 22.50 -5.11 7.98
C PRO B 117 22.98 -4.55 9.32
N VAL B 118 24.16 -4.98 9.77
CA VAL B 118 24.71 -4.45 11.03
C VAL B 118 25.25 -3.03 10.81
N GLU B 119 25.75 -2.75 9.61
CA GLU B 119 26.34 -1.46 9.30
C GLU B 119 25.42 -0.59 8.46
N THR B 120 24.88 0.45 9.10
CA THR B 120 24.01 1.43 8.48
C THR B 120 24.39 2.84 8.98
N THR B 121 23.76 3.85 8.39
CA THR B 121 24.02 5.25 8.75
C THR B 121 22.73 5.92 9.19
N THR B 122 22.81 6.74 10.24
CA THR B 122 21.69 7.56 10.62
C THR B 122 21.74 8.84 9.77
N PHE B 123 20.74 9.04 8.93
CA PHE B 123 20.72 10.19 8.02
C PHE B 123 19.87 11.32 8.58
N GLU B 124 20.13 12.54 8.12
CA GLU B 124 19.38 13.71 8.58
C GLU B 124 18.65 14.35 7.41
N VAL B 125 17.56 15.05 7.70
CA VAL B 125 16.80 15.80 6.69
C VAL B 125 17.73 16.72 5.88
N GLY B 126 17.64 16.62 4.56
CA GLY B 126 18.43 17.46 3.66
C GLY B 126 19.67 16.76 3.13
N GLN B 127 20.08 15.67 3.77
CA GLN B 127 21.23 14.91 3.31
C GLN B 127 20.92 14.18 2.01
N ARG B 128 21.94 14.07 1.16
CA ARG B 128 21.81 13.32 -0.08
C ARG B 128 22.21 11.88 0.14
N VAL B 129 21.37 10.97 -0.33
CA VAL B 129 21.64 9.55 -0.17
C VAL B 129 21.49 8.85 -1.51
N ARG B 130 22.15 7.71 -1.64
CA ARG B 130 22.00 6.84 -2.79
C ARG B 130 21.39 5.54 -2.31
N VAL B 131 20.49 4.98 -3.11
CA VAL B 131 19.92 3.69 -2.81
C VAL B 131 20.97 2.63 -3.19
N ARG B 132 21.32 1.78 -2.22
CA ARG B 132 22.35 0.75 -2.41
C ARG B 132 22.06 -0.05 -3.66
N ASP B 133 23.09 -0.18 -4.51
CA ASP B 133 22.98 -0.89 -5.78
C ASP B 133 23.15 -2.40 -5.52
N GLU B 134 22.08 -2.99 -5.01
CA GLU B 134 22.07 -4.35 -4.51
C GLU B 134 20.88 -5.10 -5.12
N TYR B 135 21.05 -6.40 -5.31
CA TYR B 135 19.99 -7.26 -5.82
C TYR B 135 19.63 -8.29 -4.77
N VAL B 136 18.36 -8.30 -4.40
CA VAL B 136 17.85 -9.16 -3.34
C VAL B 136 16.77 -10.11 -3.92
N PRO B 137 17.02 -11.43 -3.93
CA PRO B 137 16.07 -12.36 -4.54
C PRO B 137 14.81 -12.57 -3.70
N GLY B 138 14.90 -12.39 -2.39
CA GLY B 138 13.77 -12.52 -1.49
C GLY B 138 13.05 -11.20 -1.34
N HIS B 139 12.28 -11.08 -0.27
CA HIS B 139 11.46 -9.90 -0.05
C HIS B 139 12.31 -8.64 0.16
N ILE B 140 11.93 -7.56 -0.49
CA ILE B 140 12.56 -6.25 -0.29
C ILE B 140 11.54 -5.15 -0.56
N ARG B 141 11.60 -4.06 0.21
CA ARG B 141 10.67 -2.95 0.03
C ARG B 141 11.34 -1.78 -0.69
N MET B 142 12.14 -2.12 -1.68
CA MET B 142 12.75 -1.13 -2.57
C MET B 142 12.25 -1.46 -3.99
N PRO B 143 11.41 -0.59 -4.57
CA PRO B 143 11.00 -0.76 -5.96
C PRO B 143 12.21 -0.55 -6.87
N ALA B 144 12.34 -1.33 -7.93
CA ALA B 144 13.56 -1.28 -8.77
C ALA B 144 13.86 0.09 -9.35
N TYR B 145 12.83 0.92 -9.58
CA TYR B 145 13.07 2.22 -10.21
C TYR B 145 14.01 3.12 -9.40
N CYS B 146 14.16 2.84 -8.10
CA CYS B 146 15.08 3.70 -7.33
C CYS B 146 16.44 3.08 -7.03
N ARG B 147 16.67 1.84 -7.45
CA ARG B 147 17.94 1.17 -7.16
C ARG B 147 19.07 2.01 -7.75
N GLY B 148 20.07 2.30 -6.92
CA GLY B 148 21.26 3.04 -7.36
C GLY B 148 21.04 4.52 -7.66
N ARG B 149 19.85 5.02 -7.37
CA ARG B 149 19.50 6.42 -7.64
C ARG B 149 19.78 7.29 -6.42
N VAL B 150 19.91 8.58 -6.68
CA VAL B 150 20.27 9.56 -5.65
C VAL B 150 19.11 10.51 -5.37
N GLY B 151 18.84 10.73 -4.09
CA GLY B 151 17.79 11.66 -3.69
C GLY B 151 18.10 12.32 -2.37
N THR B 152 17.16 13.10 -1.87
CA THR B 152 17.38 13.87 -0.63
C THR B 152 16.40 13.46 0.48
N ILE B 153 16.90 13.39 1.72
CA ILE B 153 16.06 13.03 2.88
C ILE B 153 15.06 14.14 3.22
N SER B 154 13.77 13.79 3.23
CA SER B 154 12.68 14.69 3.57
C SER B 154 12.17 14.45 5.00
N HIS B 155 12.43 13.25 5.52
CA HIS B 155 11.87 12.80 6.80
C HIS B 155 12.64 11.57 7.27
N ARG B 156 12.96 11.50 8.58
CA ARG B 156 13.39 10.27 9.22
C ARG B 156 12.29 9.90 10.21
N THR B 157 11.80 8.67 10.15
CA THR B 157 10.72 8.27 11.03
C THR B 157 11.16 8.28 12.50
N THR B 158 10.22 8.62 13.37
CA THR B 158 10.45 8.62 14.82
C THR B 158 10.17 7.23 15.46
N GLU B 159 9.79 6.26 14.63
CA GLU B 159 9.62 4.87 15.06
C GLU B 159 10.50 3.99 14.21
N LYS B 160 10.68 2.75 14.65
CA LYS B 160 11.52 1.81 13.94
C LYS B 160 10.77 0.52 13.75
N TRP B 161 11.10 -0.19 12.68
CA TRP B 161 10.40 -1.45 12.37
C TRP B 161 11.37 -2.52 11.91
N PRO B 162 10.95 -3.80 11.99
CA PRO B 162 11.80 -4.88 11.50
C PRO B 162 12.12 -4.76 10.01
N PHE B 163 13.34 -5.11 9.64
CA PHE B 163 13.78 -5.08 8.23
C PHE B 163 12.95 -6.08 7.42
N PRO B 164 12.24 -5.60 6.38
CA PRO B 164 11.33 -6.50 5.66
C PRO B 164 12.03 -7.70 5.04
N ASP B 165 13.29 -7.53 4.63
CA ASP B 165 14.01 -8.61 3.92
C ASP B 165 14.26 -9.81 4.84
N ALA B 166 14.12 -9.58 6.15
CA ALA B 166 14.25 -10.64 7.14
C ALA B 166 12.89 -11.11 7.64
N ILE B 167 12.08 -10.19 8.15
CA ILE B 167 10.77 -10.59 8.73
C ILE B 167 9.81 -11.13 7.66
N GLY B 168 10.01 -10.69 6.41
CA GLY B 168 9.25 -11.21 5.27
C GLY B 168 9.50 -12.69 4.96
N HIS B 169 10.56 -13.25 5.54
CA HIS B 169 10.85 -14.67 5.45
C HIS B 169 10.70 -15.37 6.81
N GLY B 170 10.15 -14.65 7.79
CA GLY B 170 9.95 -15.18 9.14
C GLY B 170 11.26 -15.41 9.88
N ARG B 171 12.32 -14.68 9.52
CA ARG B 171 13.62 -14.84 10.18
C ARG B 171 13.64 -14.16 11.55
N ASN B 172 14.58 -14.61 12.39
CA ASN B 172 14.73 -14.06 13.74
C ASN B 172 15.62 -12.84 13.83
N ASP B 173 16.16 -12.40 12.70
CA ASP B 173 17.23 -11.41 12.69
C ASP B 173 16.90 -10.12 11.93
N ALA B 174 15.64 -9.71 12.02
CA ALA B 174 15.12 -8.52 11.34
C ALA B 174 15.44 -7.22 12.09
N GLY B 175 15.84 -7.32 13.36
CA GLY B 175 16.18 -6.15 14.13
C GLY B 175 15.13 -5.05 14.07
N GLU B 176 15.61 -3.82 13.99
CA GLU B 176 14.75 -2.66 13.81
C GLU B 176 15.52 -1.49 13.20
N GLU B 177 14.85 -0.79 12.29
CA GLU B 177 15.43 0.35 11.61
C GLU B 177 14.36 1.41 11.42
N PRO B 178 14.75 2.70 11.40
CA PRO B 178 13.77 3.69 10.95
C PRO B 178 13.74 3.68 9.43
N THR B 179 12.75 4.34 8.85
CA THR B 179 12.74 4.53 7.41
C THR B 179 12.91 6.00 7.08
N TYR B 180 13.19 6.27 5.81
CA TYR B 180 13.45 7.62 5.36
C TYR B 180 12.61 7.94 4.15
N HIS B 181 11.98 9.12 4.18
CA HIS B 181 11.31 9.60 2.98
C HIS B 181 12.38 10.20 2.11
N VAL B 182 12.65 9.56 0.98
CA VAL B 182 13.72 10.02 0.10
C VAL B 182 13.07 10.59 -1.13
N LYS B 183 13.37 11.87 -1.41
CA LYS B 183 12.79 12.57 -2.54
C LYS B 183 13.73 12.50 -3.73
N PHE B 184 13.24 11.97 -4.84
CA PHE B 184 13.97 11.90 -6.11
C PHE B 184 13.33 12.81 -7.13
N ALA B 185 14.14 13.53 -7.91
CA ALA B 185 13.61 14.21 -9.09
C ALA B 185 13.10 13.17 -10.09
N ALA B 186 11.98 13.46 -10.76
CA ALA B 186 11.40 12.53 -11.73
C ALA B 186 12.45 12.12 -12.78
N GLU B 187 13.25 13.09 -13.24
CA GLU B 187 14.30 12.83 -14.23
C GLU B 187 15.46 11.96 -13.71
N GLU B 188 15.66 11.90 -12.40
CA GLU B 188 16.65 10.99 -11.82
C GLU B 188 16.19 9.54 -12.03
N LEU B 189 14.87 9.35 -12.00
CA LEU B 189 14.29 8.01 -12.07
C LEU B 189 13.95 7.53 -13.49
N PHE B 190 13.48 8.44 -14.33
CA PHE B 190 13.00 8.10 -15.66
C PHE B 190 13.56 8.97 -16.77
N GLY B 191 14.66 9.68 -16.50
CA GLY B 191 15.25 10.56 -17.51
C GLY B 191 14.24 11.54 -18.07
N SER B 192 14.26 11.71 -19.38
CA SER B 192 13.34 12.61 -20.07
C SER B 192 11.93 12.02 -20.23
N ASP B 193 11.75 10.75 -19.86
CA ASP B 193 10.52 10.00 -20.13
C ASP B 193 9.55 9.92 -18.93
N THR B 194 9.12 11.10 -18.50
CA THR B 194 8.24 11.26 -17.35
C THR B 194 7.61 12.64 -17.45
N ASP B 195 6.41 12.80 -16.90
CA ASP B 195 5.79 14.12 -16.86
C ASP B 195 5.67 14.68 -15.44
N GLY B 196 6.30 13.98 -14.49
CA GLY B 196 6.17 14.29 -13.06
C GLY B 196 7.16 15.33 -12.57
N GLY B 197 7.17 15.56 -11.27
CA GLY B 197 8.10 16.53 -10.68
C GLY B 197 9.08 15.78 -9.83
N SER B 198 8.55 15.16 -8.78
CA SER B 198 9.36 14.39 -7.85
C SER B 198 8.59 13.16 -7.39
N VAL B 199 9.34 12.19 -6.88
CA VAL B 199 8.77 10.98 -6.32
C VAL B 199 9.45 10.74 -4.98
N VAL B 200 8.65 10.52 -3.93
CA VAL B 200 9.16 10.26 -2.60
C VAL B 200 8.93 8.80 -2.25
N VAL B 201 10.02 8.09 -1.98
CA VAL B 201 9.99 6.67 -1.65
C VAL B 201 10.33 6.51 -0.16
N ASP B 202 9.57 5.65 0.55
CA ASP B 202 9.78 5.46 1.98
C ASP B 202 10.72 4.27 2.18
N LEU B 203 12.01 4.55 2.40
CA LEU B 203 13.06 3.53 2.34
C LEU B 203 13.70 3.22 3.68
N PHE B 204 13.78 1.94 4.02
CA PHE B 204 14.48 1.49 5.21
C PHE B 204 15.93 1.94 5.20
N GLU B 205 16.47 2.22 6.39
CA GLU B 205 17.86 2.69 6.51
C GLU B 205 18.86 1.76 5.81
N GLY B 206 18.62 0.45 5.89
CA GLY B 206 19.52 -0.56 5.33
C GLY B 206 19.53 -0.64 3.81
N TYR B 207 18.65 0.12 3.16
CA TYR B 207 18.64 0.26 1.69
C TYR B 207 19.45 1.46 1.20
N LEU B 208 20.02 2.21 2.14
CA LEU B 208 20.61 3.49 1.79
C LEU B 208 22.09 3.60 2.15
N GLU B 209 22.75 4.54 1.51
CA GLU B 209 24.17 4.86 1.78
C GLU B 209 24.38 6.35 1.47
N PRO B 210 25.40 6.97 2.10
CA PRO B 210 25.73 8.34 1.72
C PRO B 210 25.98 8.48 0.22
N ALA B 211 25.52 9.58 -0.38
CA ALA B 211 25.65 9.83 -1.82
C ALA B 211 27.10 9.99 -2.26
FE FE C . 0.38 -1.97 -0.69
CAA TAY D . -1.98 -7.47 3.41
CAB TAY D . -0.17 -5.77 3.07
CAC TAY D . -1.97 -5.36 4.74
NAD TAY D . -2.56 -6.03 1.15
OAE TAY D . -2.99 -4.24 2.42
CAF TAY D . -2.46 -5.33 2.29
CAG TAY D . -1.64 -5.98 3.39
#